data_4HS8
#
_entry.id   4HS8
#
_cell.length_a   77.716
_cell.length_b   77.716
_cell.length_c   181.384
_cell.angle_alpha   90.00
_cell.angle_beta   90.00
_cell.angle_gamma   90.00
#
_symmetry.space_group_name_H-M   'P 41 21 2'
#
loop_
_entity.id
_entity.type
_entity.pdbx_description
1 polymer E2-peptide
2 polymer 'antibody hu5B3.v2 Fab heavy chain'
3 polymer 'antibody hu5B3.v2 Fab light chain'
4 non-polymer GLYCEROL
5 non-polymer 'SULFATE ION'
6 water water
#
loop_
_entity_poly.entity_id
_entity_poly.type
_entity_poly.pdbx_seq_one_letter_code
_entity_poly.pdbx_strand_id
1 'polypeptide(L)' QLINTNGSWHINGSGK A
2 'polypeptide(L)'
;EVQLVESGGGLVQPGGSLRLSCAASGYTFTNYWINWVRQAPGKGLEWVGDIYPSDSFTNYNQNFKDRFTISRDKSKNTAY
LQMNSLRAEDTAVYYCARSSIYYGKDYVLDYWGQGTLVTVSSASTKGPSVFPLAPSSKSTSGGTAALGCLVKDYFPEPVT
VSWNSGALTSGVHTFPAVLQSSGLYSLSSVVTVPSSSLGTQTYICNVNHKPSNTKVDKKVEPKSCDKT
;
H
3 'polypeptide(L)'
;DIQMTQSPSSLSASVGDRVTITCRASESVDNYGISFMNWFQQKPGKAPKLLIYSASNHASGVPSRFSGSGSGTDFTLTIS
SLQPEDFATYYCHQSKEAPYAFGQGTKVEIKRTVAAPSVFIFPPSDEQLKSGTASVVCLLNNFYPREAKVQWKVDNALQS
GNSQESVTEQDSKDSTYSLSSTLTLSKADYEKHKVYACEVTHQGLSSPVTKSFNRGEC
;
L
#
loop_
_chem_comp.id
_chem_comp.type
_chem_comp.name
_chem_comp.formula
GOL non-polymer GLYCEROL 'C3 H8 O3'
SO4 non-polymer 'SULFATE ION' 'O4 S -2'
#
# COMPACT_ATOMS: atom_id res chain seq x y z
N GLN A 1 -8.03 -15.08 -32.45
CA GLN A 1 -7.31 -15.67 -33.60
C GLN A 1 -6.05 -14.87 -34.00
N LEU A 2 -5.70 -13.87 -33.15
CA LEU A 2 -4.49 -13.05 -33.21
C LEU A 2 -3.52 -13.58 -32.14
N ILE A 3 -2.23 -13.52 -32.44
CA ILE A 3 -1.16 -14.03 -31.59
C ILE A 3 0.02 -13.06 -31.43
N ASN A 4 0.63 -13.06 -30.24
CA ASN A 4 1.79 -12.24 -29.91
C ASN A 4 2.86 -13.21 -29.41
N THR A 5 3.90 -13.44 -30.21
CA THR A 5 5.00 -14.34 -29.84
C THR A 5 6.33 -13.63 -30.00
N ASN A 6 6.28 -12.37 -30.45
CA ASN A 6 7.46 -11.55 -30.73
C ASN A 6 7.37 -10.11 -30.18
N GLY A 7 6.38 -9.86 -29.33
CA GLY A 7 6.17 -8.52 -28.77
C GLY A 7 5.34 -7.62 -29.67
N SER A 8 4.46 -8.22 -30.50
CA SER A 8 3.54 -7.56 -31.44
C SER A 8 2.44 -8.53 -31.90
N TRP A 9 1.32 -8.00 -32.38
CA TRP A 9 0.20 -8.80 -32.84
C TRP A 9 0.24 -9.16 -34.33
N HIS A 10 0.05 -10.45 -34.61
CA HIS A 10 -0.01 -10.98 -35.96
C HIS A 10 -1.14 -11.99 -36.12
N ILE A 11 -1.67 -12.08 -37.35
CA ILE A 11 -2.79 -12.95 -37.72
C ILE A 11 -2.36 -14.41 -37.83
N ASN A 12 -2.77 -15.24 -36.84
CA ASN A 12 -2.51 -16.69 -36.75
C ASN A 12 -3.14 -17.25 -35.50
N GLU B 1 -7.68 -21.15 -8.55
CA GLU B 1 -7.05 -22.03 -9.53
C GLU B 1 -5.75 -21.42 -10.03
N VAL B 2 -5.85 -20.40 -10.90
CA VAL B 2 -4.64 -19.75 -11.40
C VAL B 2 -4.00 -18.80 -10.40
N GLN B 3 -2.70 -19.02 -10.13
CA GLN B 3 -1.94 -18.18 -9.23
C GLN B 3 -0.48 -18.02 -9.61
N LEU B 4 0.04 -16.81 -9.38
CA LEU B 4 1.42 -16.43 -9.62
C LEU B 4 1.97 -16.05 -8.26
N VAL B 5 3.07 -16.70 -7.84
CA VAL B 5 3.66 -16.43 -6.52
C VAL B 5 5.08 -15.94 -6.69
N GLU B 6 5.30 -14.64 -6.40
CA GLU B 6 6.61 -14.04 -6.47
C GLU B 6 7.43 -14.54 -5.31
N SER B 7 8.76 -14.55 -5.47
CA SER B 7 9.68 -14.98 -4.43
C SER B 7 11.09 -14.50 -4.75
N GLY B 8 12.01 -14.63 -3.78
CA GLY B 8 13.42 -14.27 -3.93
C GLY B 8 13.73 -12.79 -3.77
N GLY B 9 12.81 -12.08 -3.13
CA GLY B 9 12.94 -10.66 -2.85
C GLY B 9 13.62 -10.40 -1.53
N GLY B 10 13.18 -9.35 -0.85
CA GLY B 10 13.74 -8.95 0.44
C GLY B 10 14.91 -8.00 0.34
N LEU B 11 15.61 -7.85 1.46
CA LEU B 11 16.77 -6.98 1.60
C LEU B 11 17.95 -7.50 0.79
N VAL B 12 18.70 -6.55 0.23
CA VAL B 12 19.86 -6.78 -0.61
C VAL B 12 20.75 -5.57 -0.47
N GLN B 13 22.06 -5.81 -0.42
CA GLN B 13 23.08 -4.78 -0.32
C GLN B 13 23.25 -4.03 -1.67
N PRO B 14 23.51 -2.69 -1.68
CA PRO B 14 23.76 -2.00 -2.96
C PRO B 14 24.99 -2.60 -3.64
N GLY B 15 24.91 -2.75 -4.96
CA GLY B 15 25.95 -3.39 -5.76
C GLY B 15 25.70 -4.87 -5.91
N GLY B 16 24.85 -5.41 -5.03
CA GLY B 16 24.46 -6.81 -5.01
C GLY B 16 23.49 -7.20 -6.10
N SER B 17 23.18 -8.50 -6.14
CA SER B 17 22.32 -9.15 -7.12
C SER B 17 21.16 -9.82 -6.42
N LEU B 18 20.04 -9.92 -7.13
CA LEU B 18 18.86 -10.59 -6.63
C LEU B 18 18.23 -11.38 -7.78
N ARG B 19 17.72 -12.55 -7.46
CA ARG B 19 17.03 -13.43 -8.41
C ARG B 19 15.61 -13.64 -7.89
N LEU B 20 14.66 -12.96 -8.56
CA LEU B 20 13.24 -13.02 -8.22
C LEU B 20 12.59 -14.13 -9.04
N SER B 21 11.66 -14.84 -8.43
CA SER B 21 11.00 -15.93 -9.11
C SER B 21 9.49 -15.74 -9.12
N CYS B 22 8.85 -16.12 -10.22
CA CYS B 22 7.41 -16.02 -10.41
C CYS B 22 6.86 -17.40 -10.66
N ALA B 23 6.51 -18.12 -9.58
CA ALA B 23 5.95 -19.48 -9.69
C ALA B 23 4.50 -19.41 -10.17
N ALA B 24 4.28 -19.91 -11.38
CA ALA B 24 3.00 -19.96 -12.07
C ALA B 24 2.38 -21.34 -11.93
N SER B 25 1.04 -21.38 -11.84
CA SER B 25 0.27 -22.62 -11.67
C SER B 25 -1.18 -22.50 -12.09
N GLY B 26 -1.75 -23.63 -12.52
CA GLY B 26 -3.15 -23.71 -12.89
C GLY B 26 -3.51 -23.41 -14.32
N TYR B 27 -2.52 -23.41 -15.21
CA TYR B 27 -2.68 -23.12 -16.64
C TYR B 27 -1.49 -23.63 -17.45
N THR B 28 -1.58 -23.59 -18.79
CA THR B 28 -0.44 -24.04 -19.63
C THR B 28 0.58 -22.87 -19.66
N PHE B 29 1.69 -23.04 -18.89
CA PHE B 29 2.77 -22.08 -18.66
C PHE B 29 3.34 -21.46 -19.92
N THR B 30 3.49 -22.27 -21.00
CA THR B 30 4.01 -21.82 -22.30
C THR B 30 3.00 -21.02 -23.15
N ASN B 31 1.73 -20.93 -22.71
CA ASN B 31 0.67 -20.21 -23.41
C ASN B 31 0.45 -18.75 -22.96
N TYR B 32 1.19 -18.31 -21.91
CA TYR B 32 1.10 -16.95 -21.38
C TYR B 32 2.45 -16.32 -21.16
N TRP B 33 2.67 -15.08 -21.69
CA TRP B 33 3.88 -14.28 -21.43
C TRP B 33 3.90 -13.96 -19.92
N ILE B 34 5.08 -13.83 -19.33
CA ILE B 34 5.20 -13.42 -17.93
C ILE B 34 5.81 -12.03 -18.00
N ASN B 35 5.13 -11.05 -17.39
CA ASN B 35 5.57 -9.66 -17.32
C ASN B 35 6.05 -9.36 -15.95
N TRP B 36 7.04 -8.49 -15.88
CA TRP B 36 7.59 -8.00 -14.63
C TRP B 36 7.29 -6.52 -14.58
N VAL B 37 6.58 -6.08 -13.53
CA VAL B 37 6.20 -4.67 -13.30
C VAL B 37 6.70 -4.28 -11.90
N ARG B 38 7.32 -3.10 -11.79
CA ARG B 38 7.77 -2.58 -10.49
C ARG B 38 7.01 -1.32 -10.05
N GLN B 39 6.93 -1.10 -8.73
CA GLN B 39 6.31 0.05 -8.14
C GLN B 39 7.11 0.57 -6.94
N ALA B 40 7.83 1.69 -7.15
CA ALA B 40 8.58 2.37 -6.11
C ALA B 40 7.59 2.81 -5.04
N PRO B 41 7.94 2.76 -3.73
CA PRO B 41 6.96 3.16 -2.70
C PRO B 41 6.37 4.55 -2.95
N GLY B 42 5.06 4.55 -3.14
CA GLY B 42 4.24 5.75 -3.35
C GLY B 42 4.27 6.29 -4.76
N LYS B 43 4.76 5.49 -5.72
CA LYS B 43 4.87 5.91 -7.12
C LYS B 43 3.98 5.06 -8.06
N GLY B 44 4.08 5.33 -9.38
CA GLY B 44 3.34 4.63 -10.42
C GLY B 44 3.93 3.28 -10.86
N LEU B 45 3.21 2.59 -11.75
CA LEU B 45 3.61 1.27 -12.21
C LEU B 45 4.60 1.42 -13.35
N GLU B 46 5.56 0.50 -13.42
CA GLU B 46 6.62 0.56 -14.43
C GLU B 46 6.76 -0.80 -15.03
N TRP B 47 6.56 -0.92 -16.35
CA TRP B 47 6.77 -2.17 -17.06
C TRP B 47 8.28 -2.40 -17.16
N VAL B 48 8.77 -3.52 -16.59
CA VAL B 48 10.18 -3.89 -16.63
C VAL B 48 10.47 -4.63 -17.95
N GLY B 49 9.67 -5.64 -18.22
CA GLY B 49 9.82 -6.48 -19.38
C GLY B 49 8.96 -7.72 -19.32
N ASP B 50 9.14 -8.62 -20.32
CA ASP B 50 8.40 -9.88 -20.41
C ASP B 50 9.20 -11.04 -21.10
N ILE B 51 8.78 -12.31 -20.84
CA ILE B 51 9.34 -13.54 -21.40
C ILE B 51 8.24 -14.44 -21.98
N TYR B 52 8.46 -14.95 -23.21
CA TYR B 52 7.55 -15.91 -23.86
C TYR B 52 8.12 -17.25 -23.42
N PRO B 53 7.40 -17.97 -22.55
CA PRO B 53 7.95 -19.22 -22.00
C PRO B 53 8.32 -20.32 -22.98
N SER B 54 7.65 -20.44 -24.14
CA SER B 54 7.96 -21.51 -25.11
C SER B 54 9.38 -21.42 -25.67
N ASP B 55 9.80 -20.26 -26.22
CA ASP B 55 11.14 -20.11 -26.80
C ASP B 55 12.11 -19.19 -25.99
N SER B 56 11.64 -18.62 -24.86
CA SER B 56 12.36 -17.69 -23.99
C SER B 56 12.55 -16.31 -24.67
N PHE B 57 11.61 -15.93 -25.61
CA PHE B 57 11.59 -14.62 -26.29
C PHE B 57 11.37 -13.55 -25.23
N THR B 58 12.28 -12.60 -25.15
CA THR B 58 12.23 -11.56 -24.15
C THR B 58 12.23 -10.14 -24.70
N ASN B 59 11.36 -9.29 -24.13
CA ASN B 59 11.21 -7.86 -24.44
C ASN B 59 11.54 -7.06 -23.18
N TYR B 60 12.29 -5.97 -23.33
CA TYR B 60 12.67 -5.17 -22.18
C TYR B 60 12.28 -3.72 -22.30
N ASN B 61 12.20 -3.05 -21.16
CA ASN B 61 12.03 -1.62 -21.06
C ASN B 61 13.50 -1.13 -21.15
N GLN B 62 13.80 -0.28 -22.16
CA GLN B 62 15.17 0.23 -22.41
C GLN B 62 15.98 0.60 -21.17
N ASN B 63 15.32 1.10 -20.11
CA ASN B 63 15.97 1.48 -18.86
C ASN B 63 16.49 0.32 -18.05
N PHE B 64 15.95 -0.90 -18.29
CA PHE B 64 16.25 -2.12 -17.53
C PHE B 64 17.19 -3.10 -18.23
N LYS B 65 17.46 -2.91 -19.53
CA LYS B 65 18.37 -3.76 -20.32
C LYS B 65 19.81 -3.78 -19.73
N ASP B 66 20.48 -4.93 -19.84
CA ASP B 66 21.86 -5.12 -19.33
C ASP B 66 22.06 -5.13 -17.80
N ARG B 67 21.08 -4.65 -17.01
CA ARG B 67 21.11 -4.78 -15.55
C ARG B 67 20.07 -5.82 -15.11
N PHE B 68 18.90 -5.88 -15.80
CA PHE B 68 17.81 -6.80 -15.47
C PHE B 68 17.68 -7.92 -16.49
N THR B 69 17.64 -9.18 -16.04
CA THR B 69 17.54 -10.29 -16.97
C THR B 69 16.37 -11.18 -16.67
N ILE B 70 15.44 -11.30 -17.63
CA ILE B 70 14.27 -12.16 -17.51
C ILE B 70 14.58 -13.51 -18.17
N SER B 71 14.47 -14.60 -17.40
CA SER B 71 14.70 -15.97 -17.84
C SER B 71 13.51 -16.87 -17.46
N ARG B 72 13.63 -18.20 -17.71
CA ARG B 72 12.56 -19.17 -17.43
C ARG B 72 13.10 -20.59 -17.19
N ASP B 73 12.30 -21.40 -16.50
CA ASP B 73 12.51 -22.81 -16.26
C ASP B 73 11.13 -23.46 -16.47
N LYS B 74 10.87 -23.89 -17.73
CA LYS B 74 9.63 -24.51 -18.21
C LYS B 74 9.16 -25.64 -17.27
N SER B 75 10.11 -26.46 -16.81
CA SER B 75 9.95 -27.60 -15.91
C SER B 75 9.45 -27.22 -14.50
N LYS B 76 9.85 -26.01 -14.01
CA LYS B 76 9.51 -25.52 -12.67
C LYS B 76 8.36 -24.48 -12.71
N ASN B 77 7.81 -24.22 -13.92
CA ASN B 77 6.78 -23.22 -14.20
C ASN B 77 7.12 -21.87 -13.58
N THR B 78 8.40 -21.50 -13.66
CA THR B 78 8.88 -20.28 -13.02
C THR B 78 9.60 -19.38 -14.03
N ALA B 79 9.27 -18.09 -14.01
CA ALA B 79 9.98 -17.09 -14.81
C ALA B 79 10.86 -16.37 -13.82
N TYR B 80 12.02 -15.89 -14.26
CA TYR B 80 12.92 -15.24 -13.33
C TYR B 80 13.24 -13.85 -13.73
N LEU B 81 13.58 -13.00 -12.75
CA LEU B 81 14.05 -11.63 -12.99
C LEU B 81 15.38 -11.44 -12.28
N GLN B 82 16.49 -11.55 -13.03
CA GLN B 82 17.80 -11.31 -12.47
C GLN B 82 18.04 -9.78 -12.46
N MET B 83 18.39 -9.22 -11.29
CA MET B 83 18.65 -7.79 -11.16
C MET B 83 20.03 -7.69 -10.58
N ASN B 84 20.97 -7.07 -11.30
CA ASN B 84 22.37 -6.96 -10.86
C ASN B 84 22.77 -5.51 -10.61
N SER B 85 23.86 -5.28 -9.83
CA SER B 85 24.40 -3.96 -9.47
C SER B 85 23.33 -2.97 -9.07
N LEU B 86 22.55 -3.40 -8.07
CA LEU B 86 21.40 -2.68 -7.52
C LEU B 86 21.77 -1.40 -6.77
N ARG B 87 20.95 -0.36 -6.94
CA ARG B 87 21.09 0.99 -6.36
C ARG B 87 19.89 1.29 -5.50
N ALA B 88 20.02 2.24 -4.54
CA ALA B 88 18.90 2.65 -3.69
C ALA B 88 17.62 2.85 -4.55
N GLU B 89 17.71 3.56 -5.69
CA GLU B 89 16.66 3.79 -6.70
C GLU B 89 15.80 2.54 -7.01
N ASP B 90 16.43 1.35 -7.00
CA ASP B 90 15.78 0.08 -7.34
C ASP B 90 14.82 -0.40 -6.28
N THR B 91 14.83 0.23 -5.08
CA THR B 91 13.93 -0.14 -3.99
C THR B 91 12.50 -0.01 -4.43
N ALA B 92 11.80 -1.15 -4.55
CA ALA B 92 10.41 -1.19 -5.01
C ALA B 92 9.74 -2.55 -4.80
N VAL B 93 8.43 -2.57 -5.06
CA VAL B 93 7.57 -3.76 -5.05
C VAL B 93 7.64 -4.30 -6.47
N TYR B 94 8.03 -5.58 -6.61
CA TYR B 94 8.15 -6.19 -7.92
C TYR B 94 7.05 -7.21 -8.11
N TYR B 95 6.25 -6.99 -9.15
CA TYR B 95 5.15 -7.88 -9.49
C TYR B 95 5.47 -8.62 -10.77
N CYS B 96 4.89 -9.79 -10.87
CA CYS B 96 4.84 -10.56 -12.08
C CYS B 96 3.35 -10.69 -12.44
N ALA B 97 3.04 -10.80 -13.75
CA ALA B 97 1.69 -10.90 -14.29
C ALA B 97 1.72 -11.63 -15.62
N ARG B 98 0.69 -12.40 -15.87
CA ARG B 98 0.61 -13.15 -17.11
C ARG B 98 -0.23 -12.44 -18.12
N SER B 99 0.09 -12.65 -19.40
CA SER B 99 -0.63 -12.05 -20.51
C SER B 99 -0.63 -13.07 -21.63
N SER B 100 -1.85 -13.46 -22.05
CA SER B 100 -2.07 -14.48 -23.08
C SER B 100 -1.40 -14.18 -24.40
N ILE B 101 -0.86 -15.24 -25.00
CA ILE B 101 -0.21 -15.25 -26.30
C ILE B 101 -1.29 -15.09 -27.36
N TYR B 102 -2.51 -15.51 -27.00
CA TYR B 102 -3.74 -15.43 -27.81
C TYR B 102 -4.60 -14.28 -27.30
N TYR B 103 -5.14 -13.49 -28.22
CA TYR B 103 -6.07 -12.42 -27.89
C TYR B 103 -7.42 -13.06 -27.55
N GLY B 104 -7.97 -12.73 -26.39
CA GLY B 104 -9.26 -13.25 -25.96
C GLY B 104 -9.75 -12.63 -24.68
N LYS B 105 -10.67 -13.33 -23.99
CA LYS B 105 -11.27 -12.91 -22.75
C LYS B 105 -10.19 -12.67 -21.69
N ASP B 106 -10.20 -11.44 -21.11
CA ASP B 106 -9.29 -10.98 -20.05
C ASP B 106 -7.84 -11.37 -20.33
N TYR B 107 -7.44 -11.32 -21.61
CA TYR B 107 -6.12 -11.77 -22.05
C TYR B 107 -4.94 -11.04 -21.38
N VAL B 108 -5.11 -9.72 -21.15
CA VAL B 108 -4.08 -8.83 -20.64
C VAL B 108 -4.04 -8.63 -19.14
N LEU B 109 -2.95 -9.09 -18.53
CA LEU B 109 -2.62 -8.94 -17.12
C LEU B 109 -3.77 -9.29 -16.19
N ASP B 110 -4.45 -10.35 -16.60
CA ASP B 110 -5.50 -11.23 -16.05
C ASP B 110 -5.17 -11.49 -14.57
N TYR B 111 -3.94 -11.98 -14.29
CA TYR B 111 -3.52 -12.42 -12.96
C TYR B 111 -2.20 -11.88 -12.60
N TRP B 112 -2.05 -11.47 -11.34
CA TRP B 112 -0.82 -10.90 -10.82
C TRP B 112 -0.47 -11.67 -9.59
N GLY B 113 0.81 -11.63 -9.24
CA GLY B 113 1.25 -12.13 -7.96
C GLY B 113 1.02 -11.04 -6.94
N GLN B 114 1.27 -11.33 -5.67
CA GLN B 114 1.09 -10.39 -4.56
C GLN B 114 2.19 -9.30 -4.51
N GLY B 115 3.26 -9.52 -5.26
CA GLY B 115 4.42 -8.65 -5.30
C GLY B 115 5.41 -8.96 -4.20
N THR B 116 6.69 -8.65 -4.41
CA THR B 116 7.72 -8.80 -3.39
C THR B 116 8.42 -7.47 -3.26
N LEU B 117 8.69 -7.08 -2.02
CA LEU B 117 9.41 -5.86 -1.77
C LEU B 117 10.90 -6.14 -1.84
N VAL B 118 11.60 -5.34 -2.65
CA VAL B 118 13.04 -5.38 -2.78
C VAL B 118 13.53 -4.06 -2.15
N THR B 119 14.33 -4.15 -1.08
CA THR B 119 14.92 -2.98 -0.40
C THR B 119 16.40 -3.08 -0.64
N VAL B 120 16.97 -2.07 -1.34
CA VAL B 120 18.39 -1.96 -1.67
C VAL B 120 19.00 -1.00 -0.67
N SER B 121 19.57 -1.56 0.40
CA SER B 121 20.12 -0.82 1.53
C SER B 121 21.27 -1.58 2.19
N SER B 122 22.21 -0.81 2.76
CA SER B 122 23.40 -1.29 3.46
C SER B 122 23.06 -1.62 4.91
N ALA B 123 21.88 -1.15 5.39
CA ALA B 123 21.42 -1.39 6.77
C ALA B 123 21.06 -2.87 6.98
N SER B 124 21.06 -3.31 8.24
CA SER B 124 20.81 -4.71 8.60
C SER B 124 19.37 -5.02 9.03
N THR B 125 19.02 -6.32 8.99
CA THR B 125 17.71 -6.80 9.36
C THR B 125 17.53 -6.66 10.87
N LYS B 126 16.67 -5.73 11.29
CA LYS B 126 16.38 -5.52 12.70
C LYS B 126 14.92 -5.84 12.96
N GLY B 127 14.67 -6.65 13.98
CA GLY B 127 13.35 -7.05 14.40
C GLY B 127 12.69 -6.00 15.25
N PRO B 128 11.34 -5.91 15.22
CA PRO B 128 10.67 -4.85 15.97
C PRO B 128 10.58 -5.06 17.45
N SER B 129 10.15 -4.00 18.15
CA SER B 129 9.87 -3.98 19.58
C SER B 129 8.40 -3.60 19.65
N VAL B 130 7.61 -4.51 20.23
CA VAL B 130 6.15 -4.34 20.31
C VAL B 130 5.77 -3.87 21.71
N PHE B 131 5.28 -2.62 21.78
CA PHE B 131 4.85 -2.02 23.03
C PHE B 131 3.35 -1.83 23.01
N PRO B 132 2.65 -2.09 24.12
CA PRO B 132 1.20 -1.88 24.12
C PRO B 132 0.80 -0.40 24.24
N LEU B 133 -0.31 -0.03 23.58
CA LEU B 133 -0.94 1.29 23.66
C LEU B 133 -2.24 1.02 24.38
N ALA B 134 -2.19 1.06 25.73
CA ALA B 134 -3.32 0.74 26.60
C ALA B 134 -4.49 1.74 26.54
N PRO B 135 -5.76 1.25 26.64
CA PRO B 135 -6.91 2.17 26.66
C PRO B 135 -7.04 2.94 27.99
N SER B 136 -7.65 4.15 27.94
CA SER B 136 -7.86 5.09 29.06
C SER B 136 -6.54 5.61 29.68
N SER B 137 -5.94 6.66 29.03
CA SER B 137 -4.66 7.30 29.41
C SER B 137 -4.61 7.88 30.83
N LYS B 138 -5.73 8.50 31.27
CA LYS B 138 -5.88 9.17 32.57
C LYS B 138 -7.31 9.02 33.08
N SER B 139 -8.32 9.25 32.22
CA SER B 139 -9.74 9.15 32.57
C SER B 139 -10.32 7.81 32.08
N THR B 140 -10.91 7.04 33.01
CA THR B 140 -11.51 5.74 32.74
C THR B 140 -12.99 5.84 32.33
N SER B 141 -13.49 4.82 31.60
CA SER B 141 -14.87 4.66 31.09
C SER B 141 -15.36 5.71 30.08
N GLY B 142 -16.41 5.36 29.35
CA GLY B 142 -17.03 6.21 28.32
C GLY B 142 -18.07 5.46 27.51
N GLY B 143 -17.85 5.41 26.20
CA GLY B 143 -18.74 4.72 25.26
C GLY B 143 -17.97 3.85 24.28
N THR B 144 -16.91 4.41 23.70
CA THR B 144 -16.02 3.75 22.75
C THR B 144 -14.56 3.97 23.19
N ALA B 145 -13.77 2.88 23.23
CA ALA B 145 -12.37 2.94 23.65
C ALA B 145 -11.41 2.54 22.56
N ALA B 146 -10.20 3.11 22.61
CA ALA B 146 -9.15 2.84 21.64
C ALA B 146 -7.96 2.22 22.35
N LEU B 147 -7.35 1.21 21.72
CA LEU B 147 -6.17 0.54 22.23
C LEU B 147 -5.35 0.15 21.02
N GLY B 148 -4.13 -0.32 21.25
CA GLY B 148 -3.29 -0.74 20.14
C GLY B 148 -1.93 -1.26 20.50
N CYS B 149 -1.07 -1.40 19.47
CA CYS B 149 0.31 -1.85 19.62
C CYS B 149 1.19 -1.00 18.80
N LEU B 150 2.36 -0.68 19.34
CA LEU B 150 3.39 0.12 18.69
C LEU B 150 4.50 -0.84 18.21
N VAL B 151 4.60 -1.00 16.88
CA VAL B 151 5.61 -1.85 16.23
C VAL B 151 6.79 -0.93 15.95
N LYS B 152 7.81 -0.99 16.81
CA LYS B 152 8.91 -0.04 16.75
C LYS B 152 10.31 -0.56 16.44
N ASP B 153 11.07 0.25 15.64
CA ASP B 153 12.47 0.06 15.28
C ASP B 153 12.79 -1.26 14.60
N TYR B 154 12.24 -1.46 13.42
CA TYR B 154 12.51 -2.65 12.63
C TYR B 154 13.03 -2.24 11.26
N PHE B 155 13.61 -3.19 10.51
CA PHE B 155 14.11 -3.01 9.16
C PHE B 155 14.35 -4.36 8.52
N PRO B 156 13.99 -4.56 7.23
CA PRO B 156 13.30 -3.63 6.33
C PRO B 156 11.79 -3.82 6.49
N GLU B 157 11.00 -3.32 5.54
CA GLU B 157 9.58 -3.57 5.51
C GLU B 157 9.42 -4.96 4.83
N PRO B 158 8.28 -5.66 5.01
CA PRO B 158 7.08 -5.27 5.75
C PRO B 158 6.97 -5.97 7.10
N VAL B 159 5.90 -5.63 7.80
CA VAL B 159 5.53 -6.21 9.05
C VAL B 159 4.02 -6.47 8.95
N THR B 160 3.52 -7.57 9.55
CA THR B 160 2.08 -7.87 9.50
C THR B 160 1.48 -7.77 10.88
N VAL B 161 0.35 -7.07 10.99
CA VAL B 161 -0.35 -6.91 12.27
C VAL B 161 -1.79 -7.41 12.20
N SER B 162 -2.10 -8.38 13.09
CA SER B 162 -3.37 -9.08 13.27
C SER B 162 -3.91 -8.87 14.70
N TRP B 163 -5.24 -8.92 14.88
CA TRP B 163 -5.84 -8.79 16.22
C TRP B 163 -6.65 -10.02 16.60
N ASN B 164 -6.23 -10.66 17.71
CA ASN B 164 -6.83 -11.88 18.26
C ASN B 164 -6.82 -13.04 17.23
N SER B 165 -5.65 -13.23 16.57
CA SER B 165 -5.41 -14.27 15.57
C SER B 165 -6.41 -14.20 14.40
N GLY B 166 -6.64 -12.99 13.92
CA GLY B 166 -7.53 -12.73 12.78
C GLY B 166 -8.98 -12.48 13.15
N ALA B 167 -9.40 -12.91 14.36
CA ALA B 167 -10.79 -12.80 14.84
C ALA B 167 -11.32 -11.35 14.98
N LEU B 168 -10.44 -10.38 15.25
CA LEU B 168 -10.86 -8.98 15.38
C LEU B 168 -10.33 -8.14 14.21
N THR B 169 -11.26 -7.63 13.36
CA THR B 169 -10.95 -6.85 12.16
C THR B 169 -11.71 -5.52 12.12
N SER B 170 -12.91 -5.49 12.73
CA SER B 170 -13.76 -4.30 12.75
C SER B 170 -13.19 -3.21 13.64
N GLY B 171 -13.06 -2.02 13.06
CA GLY B 171 -12.48 -0.87 13.76
C GLY B 171 -10.96 -0.84 13.79
N VAL B 172 -10.30 -1.87 13.20
CA VAL B 172 -8.84 -1.96 13.16
C VAL B 172 -8.28 -0.97 12.13
N HIS B 173 -7.23 -0.25 12.51
CA HIS B 173 -6.50 0.68 11.65
C HIS B 173 -5.01 0.43 11.86
N THR B 174 -4.37 -0.26 10.90
CA THR B 174 -2.94 -0.52 10.94
C THR B 174 -2.26 0.52 10.05
N PHE B 175 -1.72 1.54 10.71
CA PHE B 175 -1.08 2.68 10.05
C PHE B 175 0.08 2.30 9.14
N PRO B 176 0.20 2.99 7.96
CA PRO B 176 1.35 2.73 7.07
C PRO B 176 2.63 3.01 7.85
N ALA B 177 3.64 2.16 7.70
CA ALA B 177 4.90 2.36 8.41
C ALA B 177 5.59 3.62 7.92
N VAL B 178 6.30 4.27 8.82
CA VAL B 178 7.03 5.49 8.52
C VAL B 178 8.48 5.27 8.93
N LEU B 179 9.40 5.83 8.14
CA LEU B 179 10.83 5.73 8.34
C LEU B 179 11.31 6.89 9.18
N GLN B 180 11.96 6.54 10.29
CA GLN B 180 12.52 7.48 11.26
C GLN B 180 13.92 7.92 10.81
N SER B 181 14.40 9.08 11.30
CA SER B 181 15.75 9.60 11.05
C SER B 181 16.83 8.53 11.21
N SER B 182 16.57 7.52 12.06
CA SER B 182 17.47 6.42 12.40
C SER B 182 17.66 5.40 11.27
N GLY B 183 16.73 5.42 10.31
CA GLY B 183 16.73 4.49 9.20
C GLY B 183 15.89 3.26 9.52
N LEU B 184 15.27 3.25 10.71
CA LEU B 184 14.42 2.15 11.15
C LEU B 184 12.95 2.52 11.00
N TYR B 185 12.15 1.54 10.60
CA TYR B 185 10.72 1.71 10.41
C TYR B 185 9.98 1.55 11.73
N SER B 186 8.78 2.15 11.78
CA SER B 186 7.90 2.09 12.93
C SER B 186 6.45 2.28 12.50
N LEU B 187 5.54 1.51 13.08
CA LEU B 187 4.11 1.68 12.86
C LEU B 187 3.31 1.43 14.11
N SER B 188 2.04 1.78 14.07
CA SER B 188 1.12 1.45 15.14
C SER B 188 -0.11 0.87 14.52
N SER B 189 -0.67 -0.14 15.18
CA SER B 189 -1.93 -0.76 14.77
C SER B 189 -2.87 -0.39 15.88
N VAL B 190 -4.02 0.17 15.51
CA VAL B 190 -5.02 0.64 16.48
C VAL B 190 -6.39 -0.05 16.31
N VAL B 191 -7.19 -0.09 17.39
CA VAL B 191 -8.53 -0.63 17.36
C VAL B 191 -9.47 0.04 18.31
N THR B 192 -10.62 0.48 17.76
CA THR B 192 -11.70 1.06 18.54
C THR B 192 -12.74 -0.03 18.85
N VAL B 193 -12.97 -0.27 20.15
CA VAL B 193 -13.91 -1.27 20.67
C VAL B 193 -14.92 -0.60 21.62
N PRO B 194 -16.15 -1.15 21.86
CA PRO B 194 -17.04 -0.50 22.85
C PRO B 194 -16.42 -0.65 24.23
N SER B 195 -16.39 0.44 25.03
CA SER B 195 -15.79 0.43 26.39
C SER B 195 -16.28 -0.68 27.35
N SER B 196 -17.54 -1.17 27.13
CA SER B 196 -18.20 -2.22 27.91
C SER B 196 -17.64 -3.64 27.65
N SER B 197 -16.72 -3.78 26.67
CA SER B 197 -16.08 -5.05 26.35
C SER B 197 -14.70 -5.22 27.00
N LEU B 198 -14.10 -4.10 27.47
CA LEU B 198 -12.78 -4.09 28.10
C LEU B 198 -12.66 -4.95 29.36
N GLY B 199 -13.73 -5.02 30.15
CA GLY B 199 -13.75 -5.81 31.37
C GLY B 199 -13.81 -7.29 31.07
N THR B 200 -14.33 -7.65 29.88
CA THR B 200 -14.50 -9.04 29.47
C THR B 200 -13.49 -9.55 28.42
N GLN B 201 -13.25 -8.78 27.34
CA GLN B 201 -12.39 -9.16 26.23
C GLN B 201 -10.88 -9.05 26.46
N THR B 202 -10.12 -10.04 25.95
CA THR B 202 -8.65 -9.98 25.99
C THR B 202 -8.15 -9.66 24.57
N TYR B 203 -7.46 -8.51 24.41
CA TYR B 203 -6.95 -8.04 23.14
C TYR B 203 -5.46 -8.28 22.96
N ILE B 204 -5.13 -9.05 21.91
CA ILE B 204 -3.76 -9.42 21.59
C ILE B 204 -3.47 -9.01 20.16
N CYS B 205 -2.34 -8.32 19.95
CA CYS B 205 -1.90 -7.99 18.62
C CYS B 205 -0.86 -9.02 18.17
N ASN B 206 -1.07 -9.61 17.00
CA ASN B 206 -0.17 -10.61 16.44
C ASN B 206 0.73 -9.89 15.47
N VAL B 207 2.01 -9.77 15.84
CA VAL B 207 3.02 -9.08 15.03
C VAL B 207 3.96 -10.09 14.37
N ASN B 208 4.13 -9.97 13.04
CA ASN B 208 5.08 -10.79 12.29
C ASN B 208 5.92 -9.94 11.35
N HIS B 209 7.26 -10.01 11.52
CA HIS B 209 8.27 -9.37 10.69
C HIS B 209 9.06 -10.56 10.19
N LYS B 210 8.63 -11.13 9.05
CA LYS B 210 9.27 -12.29 8.46
C LYS B 210 10.78 -12.10 8.26
N PRO B 211 11.27 -10.90 7.77
CA PRO B 211 12.72 -10.71 7.57
C PRO B 211 13.62 -11.12 8.72
N SER B 212 13.29 -10.74 9.97
CA SER B 212 14.11 -11.08 11.14
C SER B 212 13.62 -12.31 11.90
N ASN B 213 12.69 -13.09 11.28
CA ASN B 213 12.07 -14.29 11.85
C ASN B 213 11.39 -14.01 13.20
N THR B 214 10.94 -12.74 13.40
CA THR B 214 10.32 -12.24 14.62
C THR B 214 8.80 -12.40 14.62
N LYS B 215 8.30 -13.11 15.62
CA LYS B 215 6.86 -13.27 15.85
C LYS B 215 6.62 -12.95 17.33
N VAL B 216 5.76 -11.95 17.54
CA VAL B 216 5.44 -11.43 18.86
C VAL B 216 3.93 -11.39 19.04
N ASP B 217 3.43 -12.02 20.11
CA ASP B 217 2.03 -11.96 20.47
C ASP B 217 1.96 -11.20 21.81
N LYS B 218 1.75 -9.87 21.75
CA LYS B 218 1.67 -8.96 22.91
C LYS B 218 0.21 -8.65 23.30
N LYS B 219 -0.08 -8.71 24.62
CA LYS B 219 -1.40 -8.42 25.19
C LYS B 219 -1.54 -6.92 25.52
N VAL B 220 -2.75 -6.36 25.34
CA VAL B 220 -3.06 -4.95 25.59
C VAL B 220 -4.16 -4.92 26.64
N GLU B 221 -3.78 -4.67 27.90
CA GLU B 221 -4.70 -4.59 29.03
C GLU B 221 -4.79 -3.16 29.57
N PRO B 222 -5.88 -2.75 30.27
CA PRO B 222 -5.96 -1.36 30.78
C PRO B 222 -4.98 -1.02 31.90
N LYS B 223 -4.79 0.29 32.15
CA LYS B 223 -3.92 0.85 33.19
C LYS B 223 -4.51 2.16 33.77
N SER B 224 -4.12 2.50 35.02
CA SER B 224 -4.61 3.68 35.75
C SER B 224 -4.21 5.05 35.18
N CYS B 225 -2.90 5.32 35.04
CA CYS B 225 -2.38 6.62 34.56
C CYS B 225 -1.03 6.46 33.83
N ASP C 1 8.63 4.59 -28.75
CA ASP C 1 7.95 3.98 -27.61
C ASP C 1 6.58 4.57 -27.44
N ILE C 2 5.52 3.73 -27.29
CA ILE C 2 4.18 4.28 -27.07
C ILE C 2 4.07 4.59 -25.59
N GLN C 3 3.91 5.88 -25.25
CA GLN C 3 3.74 6.34 -23.87
C GLN C 3 2.42 7.08 -23.68
N MET C 4 1.82 7.00 -22.48
CA MET C 4 0.56 7.70 -22.20
C MET C 4 0.53 8.58 -21.02
N THR C 5 -0.36 9.58 -21.10
CA THR C 5 -0.54 10.63 -20.11
C THR C 5 -2.00 10.63 -19.83
N GLN C 6 -2.33 10.59 -18.53
CA GLN C 6 -3.69 10.55 -18.03
C GLN C 6 -4.09 11.90 -17.50
N SER C 7 -5.38 12.20 -17.59
CA SER C 7 -5.91 13.45 -17.06
C SER C 7 -7.30 13.21 -16.39
N PRO C 8 -7.52 13.70 -15.16
CA PRO C 8 -6.57 14.48 -14.34
C PRO C 8 -5.59 13.50 -13.68
N SER C 9 -4.64 14.02 -12.89
CA SER C 9 -3.73 13.15 -12.16
C SER C 9 -4.41 12.75 -10.84
N SER C 10 -5.47 13.51 -10.44
CA SER C 10 -6.19 13.36 -9.18
C SER C 10 -7.59 13.97 -9.25
N LEU C 11 -8.53 13.34 -8.55
CA LEU C 11 -9.89 13.84 -8.47
C LEU C 11 -10.56 13.41 -7.17
N SER C 12 -11.53 14.25 -6.74
CA SER C 12 -12.36 14.03 -5.58
C SER C 12 -13.81 14.12 -6.03
N ALA C 13 -14.58 13.02 -5.87
CA ALA C 13 -15.99 13.02 -6.30
C ALA C 13 -16.91 12.32 -5.32
N SER C 14 -18.22 12.62 -5.41
CA SER C 14 -19.21 12.09 -4.47
C SER C 14 -19.83 10.77 -4.94
N VAL C 15 -20.27 9.94 -3.97
CA VAL C 15 -20.96 8.67 -4.19
C VAL C 15 -22.16 9.02 -5.10
N GLY C 16 -22.26 8.29 -6.22
CA GLY C 16 -23.31 8.52 -7.21
C GLY C 16 -22.85 9.31 -8.42
N ASP C 17 -21.70 10.02 -8.31
CA ASP C 17 -21.23 10.84 -9.42
C ASP C 17 -20.64 10.01 -10.54
N ARG C 18 -20.82 10.52 -11.78
CA ARG C 18 -20.24 10.00 -13.00
C ARG C 18 -18.81 10.57 -12.97
N VAL C 19 -17.80 9.71 -13.00
CA VAL C 19 -16.41 10.14 -13.03
C VAL C 19 -15.75 9.74 -14.33
N THR C 20 -15.05 10.69 -14.96
CA THR C 20 -14.42 10.55 -16.28
C THR C 20 -12.90 10.69 -16.21
N ILE C 21 -12.16 9.65 -16.59
CA ILE C 21 -10.70 9.67 -16.65
C ILE C 21 -10.28 9.46 -18.08
N THR C 22 -9.39 10.35 -18.58
CA THR C 22 -8.88 10.30 -19.95
C THR C 22 -7.42 9.82 -20.03
N CYS C 23 -7.06 9.20 -21.16
CA CYS C 23 -5.73 8.67 -21.42
C CYS C 23 -5.33 8.97 -22.85
N ARG C 24 -4.20 9.67 -23.01
CA ARG C 24 -3.67 10.00 -24.34
C ARG C 24 -2.35 9.27 -24.60
N ALA C 25 -2.33 8.49 -25.69
CA ALA C 25 -1.14 7.81 -26.15
C ALA C 25 -0.41 8.72 -27.13
N SER C 26 0.94 8.66 -27.13
CA SER C 26 1.86 9.42 -27.98
C SER C 26 1.83 9.00 -29.47
N GLU C 27 1.17 7.87 -29.73
CA GLU C 27 1.06 7.17 -31.01
C GLU C 27 -0.17 6.25 -30.88
N SER C 28 -0.78 5.86 -32.01
CA SER C 28 -1.97 5.01 -32.04
C SER C 28 -1.71 3.63 -31.49
N VAL C 29 -2.66 3.11 -30.71
CA VAL C 29 -2.59 1.75 -30.14
C VAL C 29 -3.48 0.77 -30.93
N ASP C 30 -4.09 1.27 -32.04
CA ASP C 30 -4.94 0.49 -32.94
C ASP C 30 -4.11 -0.47 -33.75
N ASN C 31 -4.66 -1.68 -33.97
CA ASN C 31 -4.09 -2.75 -34.79
C ASN C 31 -5.14 -3.85 -34.99
N TYR C 32 -5.34 -4.31 -36.25
CA TYR C 32 -6.31 -5.36 -36.63
C TYR C 32 -7.74 -5.06 -36.16
N GLY C 33 -8.10 -3.78 -36.10
CA GLY C 33 -9.42 -3.34 -35.67
C GLY C 33 -9.57 -3.29 -34.16
N ILE C 34 -8.51 -3.68 -33.42
CA ILE C 34 -8.53 -3.64 -31.96
C ILE C 34 -7.75 -2.42 -31.50
N SER C 35 -8.23 -1.74 -30.44
CA SER C 35 -7.54 -0.58 -29.84
C SER C 35 -6.89 -1.10 -28.57
N PHE C 36 -5.59 -1.46 -28.62
CA PHE C 36 -4.92 -2.09 -27.46
C PHE C 36 -4.63 -1.18 -26.25
N MET C 37 -5.72 -0.67 -25.65
CA MET C 37 -5.69 0.16 -24.47
C MET C 37 -6.52 -0.49 -23.38
N ASN C 38 -5.85 -0.72 -22.24
CA ASN C 38 -6.45 -1.35 -21.09
C ASN C 38 -6.46 -0.46 -19.85
N TRP C 39 -7.35 -0.77 -18.90
CA TRP C 39 -7.49 -0.04 -17.67
C TRP C 39 -7.41 -0.99 -16.49
N PHE C 40 -6.57 -0.61 -15.53
CA PHE C 40 -6.31 -1.32 -14.28
C PHE C 40 -6.70 -0.42 -13.11
N GLN C 41 -7.18 -1.06 -12.05
CA GLN C 41 -7.56 -0.37 -10.84
C GLN C 41 -6.62 -0.90 -9.77
N GLN C 42 -5.92 0.00 -9.08
CA GLN C 42 -5.03 -0.44 -8.03
C GLN C 42 -5.48 0.10 -6.69
N LYS C 43 -5.90 -0.83 -5.81
CA LYS C 43 -6.29 -0.50 -4.45
C LYS C 43 -5.05 -0.55 -3.50
N PRO C 44 -4.98 0.25 -2.41
CA PRO C 44 -3.79 0.24 -1.54
C PRO C 44 -3.39 -1.12 -0.96
N GLY C 45 -2.13 -1.50 -1.20
CA GLY C 45 -1.53 -2.77 -0.76
C GLY C 45 -1.93 -3.96 -1.62
N LYS C 46 -2.48 -3.69 -2.81
CA LYS C 46 -2.94 -4.73 -3.71
C LYS C 46 -2.40 -4.56 -5.10
N ALA C 47 -2.22 -5.69 -5.78
CA ALA C 47 -1.78 -5.73 -7.18
C ALA C 47 -2.85 -5.09 -8.04
N PRO C 48 -2.51 -4.44 -9.17
CA PRO C 48 -3.58 -3.84 -9.99
C PRO C 48 -4.54 -4.90 -10.57
N LYS C 49 -5.83 -4.56 -10.61
CA LYS C 49 -6.91 -5.43 -11.14
C LYS C 49 -7.42 -4.89 -12.49
N LEU C 50 -7.44 -5.76 -13.50
CA LEU C 50 -7.94 -5.55 -14.87
C LEU C 50 -9.42 -5.19 -14.80
N LEU C 51 -9.79 -4.04 -15.39
CA LEU C 51 -11.17 -3.60 -15.44
C LEU C 51 -11.70 -3.72 -16.84
N ILE C 52 -11.00 -3.06 -17.74
CA ILE C 52 -11.34 -2.83 -19.14
C ILE C 52 -10.16 -3.17 -20.02
N TYR C 53 -10.43 -3.83 -21.15
CA TYR C 53 -9.38 -4.17 -22.09
C TYR C 53 -9.86 -3.96 -23.52
N SER C 54 -8.91 -3.65 -24.43
CA SER C 54 -9.24 -3.37 -25.83
C SER C 54 -10.32 -2.28 -25.89
N ALA C 55 -10.04 -1.19 -25.15
CA ALA C 55 -10.86 0.03 -25.03
C ALA C 55 -12.24 -0.11 -24.38
N SER C 56 -13.05 -1.09 -24.81
CA SER C 56 -14.41 -1.25 -24.34
C SER C 56 -14.75 -2.57 -23.64
N ASN C 57 -13.87 -3.58 -23.72
CA ASN C 57 -14.21 -4.87 -23.09
C ASN C 57 -14.07 -4.85 -21.57
N HIS C 58 -14.97 -5.58 -20.90
CA HIS C 58 -15.17 -5.71 -19.47
C HIS C 58 -14.52 -6.97 -18.98
N ALA C 59 -13.62 -6.85 -18.01
CA ALA C 59 -13.01 -8.04 -17.42
C ALA C 59 -14.08 -8.74 -16.58
N SER C 60 -13.95 -10.07 -16.40
CA SER C 60 -14.94 -10.79 -15.60
C SER C 60 -14.77 -10.38 -14.15
N GLY C 61 -15.90 -10.24 -13.45
CA GLY C 61 -15.91 -9.84 -12.05
C GLY C 61 -15.72 -8.36 -11.85
N VAL C 62 -15.91 -7.56 -12.91
CA VAL C 62 -15.84 -6.13 -12.75
C VAL C 62 -17.24 -5.50 -12.84
N PRO C 63 -17.60 -4.64 -11.86
CA PRO C 63 -18.93 -4.04 -11.84
C PRO C 63 -19.33 -3.27 -13.10
N SER C 64 -20.64 -3.14 -13.29
CA SER C 64 -21.24 -2.47 -14.44
C SER C 64 -20.86 -1.00 -14.60
N ARG C 65 -20.75 -0.26 -13.46
CA ARG C 65 -20.45 1.17 -13.39
C ARG C 65 -19.18 1.56 -14.18
N PHE C 66 -18.22 0.63 -14.26
CA PHE C 66 -17.00 0.80 -15.04
C PHE C 66 -17.26 0.45 -16.50
N SER C 67 -16.93 1.37 -17.40
CA SER C 67 -17.02 1.23 -18.84
C SER C 67 -15.87 2.02 -19.45
N GLY C 68 -15.50 1.69 -20.68
CA GLY C 68 -14.40 2.32 -21.41
C GLY C 68 -14.75 2.67 -22.83
N SER C 69 -14.01 3.64 -23.41
CA SER C 69 -14.21 4.12 -24.78
C SER C 69 -12.93 4.67 -25.39
N GLY C 70 -12.95 4.88 -26.69
CA GLY C 70 -11.81 5.43 -27.41
C GLY C 70 -11.31 4.57 -28.55
N SER C 71 -10.42 5.18 -29.34
CA SER C 71 -9.74 4.61 -30.51
C SER C 71 -8.46 5.44 -30.76
N GLY C 72 -7.47 4.81 -31.40
CA GLY C 72 -6.20 5.43 -31.76
C GLY C 72 -5.36 5.97 -30.63
N THR C 73 -5.45 7.29 -30.39
CA THR C 73 -4.62 7.94 -29.38
C THR C 73 -5.37 8.42 -28.13
N ASP C 74 -6.71 8.53 -28.19
CA ASP C 74 -7.51 9.04 -27.07
C ASP C 74 -8.49 8.05 -26.43
N PHE C 75 -8.37 7.83 -25.11
CA PHE C 75 -9.19 6.84 -24.40
C PHE C 75 -9.81 7.38 -23.12
N THR C 76 -10.97 6.86 -22.76
CA THR C 76 -11.71 7.32 -21.59
C THR C 76 -12.20 6.14 -20.76
N LEU C 77 -12.11 6.29 -19.44
CA LEU C 77 -12.64 5.34 -18.49
C LEU C 77 -13.70 6.11 -17.73
N THR C 78 -14.90 5.55 -17.61
CA THR C 78 -15.96 6.16 -16.84
C THR C 78 -16.54 5.25 -15.79
N ILE C 79 -16.62 5.77 -14.55
CA ILE C 79 -17.28 5.12 -13.42
C ILE C 79 -18.64 5.87 -13.44
N SER C 80 -19.73 5.20 -13.88
CA SER C 80 -21.07 5.78 -13.99
C SER C 80 -21.65 6.24 -12.65
N SER C 81 -21.36 5.52 -11.55
CA SER C 81 -21.90 5.90 -10.25
C SER C 81 -20.90 5.55 -9.16
N LEU C 82 -20.01 6.52 -8.84
CA LEU C 82 -18.95 6.34 -7.87
C LEU C 82 -19.43 5.74 -6.55
N GLN C 83 -18.84 4.61 -6.17
CA GLN C 83 -19.18 3.92 -4.94
C GLN C 83 -18.02 4.11 -3.96
N PRO C 84 -18.25 4.07 -2.62
CA PRO C 84 -17.13 4.29 -1.69
C PRO C 84 -15.98 3.29 -1.82
N GLU C 85 -16.24 2.09 -2.34
CA GLU C 85 -15.19 1.07 -2.57
C GLU C 85 -14.29 1.48 -3.73
N ASP C 86 -14.73 2.41 -4.60
CA ASP C 86 -13.96 2.80 -5.80
C ASP C 86 -12.72 3.66 -5.62
N PHE C 87 -12.34 3.93 -4.37
CA PHE C 87 -11.13 4.68 -4.04
C PHE C 87 -9.96 3.82 -4.55
N ALA C 88 -9.11 4.38 -5.44
CA ALA C 88 -7.98 3.66 -6.04
C ALA C 88 -7.21 4.57 -6.94
N THR C 89 -6.07 4.08 -7.46
CA THR C 89 -5.34 4.74 -8.53
C THR C 89 -5.70 3.94 -9.79
N TYR C 90 -6.19 4.62 -10.83
CA TYR C 90 -6.61 4.04 -12.09
C TYR C 90 -5.54 4.26 -13.19
N TYR C 91 -5.10 3.17 -13.84
CA TYR C 91 -4.06 3.26 -14.88
C TYR C 91 -4.51 2.80 -16.25
N CYS C 92 -4.16 3.56 -17.30
CA CYS C 92 -4.36 3.05 -18.65
C CYS C 92 -3.08 2.32 -19.00
N HIS C 93 -3.16 1.40 -19.96
CA HIS C 93 -2.01 0.57 -20.31
C HIS C 93 -2.11 0.20 -21.76
N GLN C 94 -0.97 0.17 -22.49
CA GLN C 94 -0.98 -0.26 -23.88
C GLN C 94 -0.37 -1.64 -24.04
N SER C 95 -1.05 -2.47 -24.84
CA SER C 95 -0.63 -3.84 -25.11
C SER C 95 -0.43 -4.08 -26.61
N LYS C 96 -0.31 -3.00 -27.40
CA LYS C 96 -0.13 -3.11 -28.86
C LYS C 96 1.26 -3.62 -29.27
N GLU C 97 2.32 -3.00 -28.76
CA GLU C 97 3.68 -3.35 -29.12
C GLU C 97 4.54 -3.15 -27.93
N ALA C 98 5.51 -4.03 -27.74
CA ALA C 98 6.51 -3.90 -26.69
C ALA C 98 7.41 -2.71 -27.09
N PRO C 99 7.93 -1.84 -26.19
CA PRO C 99 7.75 -1.80 -24.73
C PRO C 99 6.33 -1.45 -24.33
N TYR C 100 5.73 -2.27 -23.49
CA TYR C 100 4.40 -1.96 -22.98
C TYR C 100 4.60 -0.88 -21.92
N ALA C 101 3.53 -0.16 -21.63
CA ALA C 101 3.61 0.95 -20.71
C ALA C 101 2.30 1.20 -20.05
N PHE C 102 2.34 1.93 -18.94
CA PHE C 102 1.21 2.39 -18.16
C PHE C 102 1.25 3.93 -18.17
N GLY C 103 0.08 4.54 -17.93
CA GLY C 103 -0.03 5.98 -17.75
C GLY C 103 0.51 6.27 -16.36
N GLN C 104 0.60 7.56 -15.98
CA GLN C 104 1.15 7.91 -14.66
C GLN C 104 0.18 7.55 -13.53
N GLY C 105 -1.11 7.36 -13.88
CA GLY C 105 -2.19 7.02 -12.98
C GLY C 105 -3.00 8.24 -12.59
N THR C 106 -4.25 8.04 -12.12
CA THR C 106 -5.20 9.05 -11.66
C THR C 106 -5.73 8.60 -10.31
N LYS C 107 -5.43 9.37 -9.24
CA LYS C 107 -5.94 8.98 -7.92
C LYS C 107 -7.39 9.45 -7.78
N VAL C 108 -8.32 8.53 -7.63
CA VAL C 108 -9.73 8.82 -7.41
C VAL C 108 -9.93 8.71 -5.89
N GLU C 109 -10.41 9.79 -5.27
CA GLU C 109 -10.72 9.96 -3.85
C GLU C 109 -12.23 10.20 -3.74
N ILE C 110 -12.85 9.70 -2.68
CA ILE C 110 -14.27 9.93 -2.58
C ILE C 110 -14.63 11.07 -1.64
N LYS C 111 -15.38 12.04 -2.19
CA LYS C 111 -15.86 13.24 -1.49
C LYS C 111 -17.10 12.91 -0.65
N ARG C 112 -16.97 13.13 0.66
CA ARG C 112 -18.01 12.94 1.69
C ARG C 112 -18.16 14.26 2.51
N THR C 113 -19.20 14.35 3.36
CA THR C 113 -19.50 15.46 4.27
C THR C 113 -18.37 15.53 5.27
N VAL C 114 -18.17 16.67 5.92
CA VAL C 114 -17.09 16.85 6.88
C VAL C 114 -17.28 15.95 8.11
N ALA C 115 -16.22 15.34 8.61
CA ALA C 115 -16.30 14.54 9.82
C ALA C 115 -15.10 14.90 10.73
N ALA C 116 -15.40 15.23 11.97
CA ALA C 116 -14.38 15.61 12.96
C ALA C 116 -13.63 14.37 13.45
N PRO C 117 -12.36 14.49 13.88
CA PRO C 117 -11.67 13.29 14.37
C PRO C 117 -12.05 13.00 15.80
N SER C 118 -11.78 11.79 16.24
CA SER C 118 -11.97 11.40 17.62
C SER C 118 -10.52 11.30 18.08
N VAL C 119 -10.17 12.05 19.12
CA VAL C 119 -8.79 12.12 19.58
C VAL C 119 -8.53 11.27 20.80
N PHE C 120 -7.40 10.56 20.79
CA PHE C 120 -6.93 9.67 21.85
C PHE C 120 -5.40 9.82 22.00
N ILE C 121 -4.93 9.93 23.23
CA ILE C 121 -3.50 10.01 23.56
C ILE C 121 -3.08 8.75 24.35
N PHE C 122 -1.87 8.23 24.07
CA PHE C 122 -1.32 7.05 24.76
C PHE C 122 0.03 7.36 25.40
N PRO C 123 0.16 7.18 26.73
CA PRO C 123 1.47 7.41 27.37
C PRO C 123 2.49 6.33 26.98
N PRO C 124 3.81 6.54 27.14
CA PRO C 124 4.74 5.45 26.76
C PRO C 124 4.57 4.25 27.65
N SER C 125 4.75 3.09 27.05
CA SER C 125 4.70 1.79 27.72
C SER C 125 5.81 1.68 28.78
N ASP C 126 5.49 1.02 29.89
CA ASP C 126 6.39 0.76 31.01
C ASP C 126 7.58 -0.06 30.51
N GLU C 127 7.32 -1.07 29.63
CA GLU C 127 8.37 -1.91 29.05
C GLU C 127 9.26 -1.17 28.05
N GLN C 128 8.73 -0.09 27.43
CA GLN C 128 9.51 0.76 26.51
C GLN C 128 10.46 1.59 27.34
N LEU C 129 9.96 2.08 28.50
CA LEU C 129 10.76 2.88 29.44
C LEU C 129 11.95 2.13 30.02
N LYS C 130 11.86 0.78 30.11
CA LYS C 130 12.96 -0.11 30.52
C LYS C 130 14.04 -0.19 29.41
N SER C 131 13.63 -0.09 28.13
CA SER C 131 14.54 -0.10 26.97
C SER C 131 15.17 1.29 26.73
N GLY C 132 14.82 2.27 27.57
CA GLY C 132 15.36 3.62 27.52
C GLY C 132 14.80 4.57 26.47
N THR C 133 13.55 4.34 26.02
CA THR C 133 12.93 5.23 25.05
C THR C 133 11.48 5.56 25.46
N ALA C 134 10.96 6.69 24.98
CA ALA C 134 9.59 7.08 25.29
C ALA C 134 8.88 7.57 24.05
N SER C 135 7.88 6.80 23.59
CA SER C 135 7.10 7.22 22.45
C SER C 135 5.68 7.48 22.92
N VAL C 136 5.19 8.71 22.69
CA VAL C 136 3.84 9.13 23.07
C VAL C 136 3.04 9.11 21.74
N VAL C 137 1.90 8.39 21.70
CA VAL C 137 1.10 8.25 20.47
C VAL C 137 -0.22 9.00 20.53
N CYS C 138 -0.51 9.75 19.48
CA CYS C 138 -1.79 10.42 19.34
C CYS C 138 -2.55 9.79 18.17
N LEU C 139 -3.84 9.49 18.37
CA LEU C 139 -4.70 8.90 17.34
C LEU C 139 -5.84 9.87 17.02
N LEU C 140 -6.05 10.14 15.74
CA LEU C 140 -7.14 10.98 15.21
C LEU C 140 -7.95 9.99 14.41
N ASN C 141 -9.09 9.57 14.95
CA ASN C 141 -9.88 8.54 14.31
C ASN C 141 -11.09 8.97 13.53
N ASN C 142 -11.21 8.43 12.32
CA ASN C 142 -12.34 8.58 11.39
C ASN C 142 -12.74 10.01 11.09
N PHE C 143 -12.00 10.64 10.21
CA PHE C 143 -12.28 12.05 9.88
C PHE C 143 -12.22 12.31 8.39
N TYR C 144 -12.83 13.42 8.01
CA TYR C 144 -12.87 13.88 6.63
C TYR C 144 -12.99 15.39 6.63
N PRO C 145 -12.17 16.11 5.82
CA PRO C 145 -11.12 15.60 4.91
C PRO C 145 -9.81 15.18 5.58
N ARG C 146 -8.84 14.76 4.74
CA ARG C 146 -7.52 14.29 5.14
C ARG C 146 -6.71 15.36 5.90
N GLU C 147 -6.92 16.64 5.56
CA GLU C 147 -6.18 17.74 6.17
C GLU C 147 -6.50 17.96 7.64
N ALA C 148 -5.50 17.71 8.47
CA ALA C 148 -5.53 17.79 9.93
C ALA C 148 -4.16 18.25 10.50
N LYS C 149 -4.17 19.21 11.42
CA LYS C 149 -2.96 19.69 12.11
C LYS C 149 -2.86 19.01 13.48
N VAL C 150 -1.71 18.41 13.77
CA VAL C 150 -1.44 17.76 15.04
C VAL C 150 -0.16 18.39 15.58
N GLN C 151 -0.25 19.03 16.78
CA GLN C 151 0.88 19.66 17.43
C GLN C 151 1.15 19.00 18.78
N TRP C 152 2.41 18.63 19.03
CA TRP C 152 2.79 18.06 20.31
C TRP C 152 3.28 19.19 21.21
N LYS C 153 2.83 19.19 22.47
CA LYS C 153 3.28 20.15 23.46
C LYS C 153 3.78 19.38 24.66
N VAL C 154 4.94 19.79 25.18
CA VAL C 154 5.56 19.14 26.34
C VAL C 154 5.75 20.25 27.34
N ASP C 155 4.99 20.21 28.45
CA ASP C 155 4.95 21.25 29.48
C ASP C 155 4.61 22.59 28.78
N ASN C 156 3.70 22.54 27.79
CA ASN C 156 3.20 23.64 26.96
C ASN C 156 4.23 24.21 25.91
N ALA C 157 5.40 23.55 25.75
CA ALA C 157 6.40 23.93 24.77
C ALA C 157 6.11 23.17 23.49
N LEU C 158 5.87 23.90 22.40
CA LEU C 158 5.54 23.40 21.08
C LEU C 158 6.69 22.58 20.54
N GLN C 159 6.47 21.26 20.34
CA GLN C 159 7.52 20.37 19.84
C GLN C 159 7.81 20.52 18.37
N SER C 160 9.05 20.19 17.96
CA SER C 160 9.50 20.27 16.57
C SER C 160 10.64 19.30 16.28
N GLY C 161 10.49 18.56 15.17
CA GLY C 161 11.48 17.61 14.66
C GLY C 161 11.67 16.31 15.43
N ASN C 162 10.66 15.89 16.21
CA ASN C 162 10.70 14.65 17.00
C ASN C 162 9.35 13.89 16.94
N SER C 163 8.51 14.22 15.93
CA SER C 163 7.19 13.64 15.72
C SER C 163 7.03 13.08 14.32
N GLN C 164 6.23 12.02 14.17
CA GLN C 164 6.01 11.36 12.88
C GLN C 164 4.57 11.04 12.69
N GLU C 165 4.01 11.43 11.54
CA GLU C 165 2.61 11.18 11.19
C GLU C 165 2.48 10.08 10.12
N SER C 166 1.34 9.41 10.12
CA SER C 166 0.98 8.36 9.17
C SER C 166 -0.53 8.44 8.99
N VAL C 167 -0.97 8.46 7.75
CA VAL C 167 -2.39 8.56 7.42
C VAL C 167 -2.82 7.28 6.73
N THR C 168 -3.90 6.71 7.25
CA THR C 168 -4.59 5.52 6.76
C THR C 168 -5.17 5.88 5.37
N GLU C 169 -5.57 4.87 4.63
CA GLU C 169 -6.21 5.08 3.36
C GLU C 169 -7.69 5.35 3.59
N GLN C 170 -8.38 5.92 2.61
CA GLN C 170 -9.79 6.20 2.79
C GLN C 170 -10.56 4.93 3.06
N ASP C 171 -11.47 4.97 4.02
CA ASP C 171 -12.28 3.82 4.32
C ASP C 171 -13.19 3.56 3.12
N SER C 172 -13.34 2.28 2.76
CA SER C 172 -14.16 1.82 1.63
C SER C 172 -15.65 1.84 1.98
N LYS C 173 -15.98 2.07 3.26
CA LYS C 173 -17.35 2.11 3.75
C LYS C 173 -17.85 3.52 4.11
N ASP C 174 -17.20 4.20 5.07
CA ASP C 174 -17.62 5.52 5.55
C ASP C 174 -16.80 6.68 4.94
N SER C 175 -15.80 6.37 4.09
CA SER C 175 -14.95 7.33 3.37
C SER C 175 -14.12 8.27 4.27
N THR C 176 -13.93 7.89 5.53
CA THR C 176 -13.16 8.69 6.47
C THR C 176 -11.70 8.23 6.45
N TYR C 177 -10.78 9.09 6.91
CA TYR C 177 -9.37 8.77 7.08
C TYR C 177 -9.09 8.61 8.58
N SER C 178 -7.87 8.22 8.92
CA SER C 178 -7.43 8.14 10.30
C SER C 178 -5.94 8.40 10.33
N LEU C 179 -5.47 9.05 11.41
CA LEU C 179 -4.05 9.33 11.55
C LEU C 179 -3.44 9.06 12.92
N SER C 180 -2.15 8.68 12.92
CA SER C 180 -1.39 8.47 14.14
C SER C 180 -0.13 9.31 14.08
N SER C 181 0.11 10.14 15.12
CA SER C 181 1.36 10.92 15.28
C SER C 181 2.10 10.33 16.49
N THR C 182 3.43 10.20 16.38
CA THR C 182 4.25 9.60 17.43
C THR C 182 5.36 10.55 17.89
N LEU C 183 5.19 11.11 19.08
CA LEU C 183 6.21 11.97 19.67
C LEU C 183 7.20 11.03 20.35
N THR C 184 8.44 10.99 19.82
CA THR C 184 9.43 10.12 20.40
C THR C 184 10.58 10.88 21.02
N LEU C 185 10.83 10.58 22.30
CA LEU C 185 11.86 11.23 23.13
C LEU C 185 12.68 10.17 23.85
N SER C 186 13.84 10.57 24.38
CA SER C 186 14.69 9.69 25.19
C SER C 186 13.98 9.52 26.56
N LYS C 187 14.29 8.42 27.30
CA LYS C 187 13.75 8.20 28.65
C LYS C 187 14.17 9.38 29.55
N ALA C 188 15.39 9.92 29.33
CA ALA C 188 15.94 11.06 30.05
C ALA C 188 15.14 12.33 29.75
N ASP C 189 14.89 12.60 28.45
CA ASP C 189 14.11 13.76 28.00
C ASP C 189 12.67 13.63 28.49
N TYR C 190 12.11 12.41 28.44
CA TYR C 190 10.76 12.16 28.93
C TYR C 190 10.70 12.41 30.44
N GLU C 191 11.73 11.96 31.20
CA GLU C 191 11.79 12.14 32.66
C GLU C 191 11.97 13.56 33.21
N LYS C 192 12.16 14.57 32.34
CA LYS C 192 12.28 15.93 32.87
C LYS C 192 11.02 16.76 32.75
N HIS C 193 9.99 16.23 32.08
CA HIS C 193 8.72 16.95 31.95
C HIS C 193 7.51 16.21 32.49
N LYS C 194 6.48 16.96 32.92
CA LYS C 194 5.23 16.45 33.53
C LYS C 194 4.11 16.25 32.48
N VAL C 195 3.65 17.36 31.86
CA VAL C 195 2.55 17.39 30.90
C VAL C 195 2.97 17.05 29.46
N TYR C 196 2.25 16.13 28.84
CA TYR C 196 2.43 15.65 27.47
C TYR C 196 1.05 15.75 26.83
N ALA C 197 0.89 16.74 25.94
CA ALA C 197 -0.36 17.05 25.26
C ALA C 197 -0.27 16.88 23.74
N CYS C 198 -1.41 16.54 23.11
CA CYS C 198 -1.58 16.41 21.67
C CYS C 198 -2.74 17.36 21.26
N GLU C 199 -2.42 18.46 20.61
CA GLU C 199 -3.41 19.45 20.18
C GLU C 199 -3.82 19.20 18.74
N VAL C 200 -5.10 18.99 18.52
CA VAL C 200 -5.61 18.64 17.19
C VAL C 200 -6.43 19.75 16.52
N THR C 201 -6.09 20.10 15.26
CA THR C 201 -6.81 21.09 14.47
C THR C 201 -7.37 20.41 13.20
N HIS C 202 -8.70 20.50 12.97
CA HIS C 202 -9.42 19.92 11.83
C HIS C 202 -10.71 20.71 11.53
N GLN C 203 -11.06 20.84 10.24
CA GLN C 203 -12.26 21.54 9.77
C GLN C 203 -13.52 21.19 10.56
N GLY C 204 -13.69 19.89 10.86
CA GLY C 204 -14.82 19.36 11.60
C GLY C 204 -14.93 19.78 13.06
N LEU C 205 -13.87 20.42 13.60
CA LEU C 205 -13.82 20.87 14.99
C LEU C 205 -14.06 22.37 15.07
N SER C 206 -14.94 22.80 16.00
CA SER C 206 -15.22 24.23 16.19
C SER C 206 -13.95 25.01 16.55
N SER C 207 -13.10 24.41 17.41
CA SER C 207 -11.81 24.91 17.89
C SER C 207 -10.89 23.70 18.24
N PRO C 208 -9.56 23.86 18.48
CA PRO C 208 -8.72 22.67 18.73
C PRO C 208 -9.07 21.81 19.93
N VAL C 209 -8.97 20.47 19.75
CA VAL C 209 -9.19 19.46 20.79
C VAL C 209 -7.82 19.14 21.38
N THR C 210 -7.74 19.00 22.70
CA THR C 210 -6.48 18.70 23.37
C THR C 210 -6.63 17.47 24.26
N LYS C 211 -5.81 16.47 23.97
CA LYS C 211 -5.73 15.24 24.73
C LYS C 211 -4.37 15.28 25.42
N SER C 212 -4.35 15.05 26.75
CA SER C 212 -3.13 15.11 27.52
C SER C 212 -3.10 14.18 28.72
N PHE C 213 -1.93 14.10 29.37
CA PHE C 213 -1.69 13.36 30.62
C PHE C 213 -0.52 13.99 31.38
N ASN C 214 -0.26 13.53 32.62
CA ASN C 214 0.89 13.95 33.41
C ASN C 214 1.77 12.72 33.62
N ARG C 215 3.06 12.83 33.26
CA ARG C 215 4.07 11.78 33.32
C ARG C 215 4.02 10.94 34.59
N GLY C 216 4.17 9.64 34.39
CA GLY C 216 4.18 8.62 35.43
C GLY C 216 3.49 7.36 34.96
N GLU C 217 3.84 6.21 35.58
CA GLU C 217 3.21 4.91 35.31
C GLU C 217 2.12 4.67 36.39
N CYS C 218 1.45 5.79 36.80
CA CYS C 218 0.42 5.93 37.84
C CYS C 218 -0.72 4.88 37.84
C1 GOL D . 13.56 -6.19 -26.58
O1 GOL D . 12.99 -5.17 -27.39
C2 GOL D . 15.05 -6.30 -26.83
O2 GOL D . 15.68 -5.12 -26.35
C3 GOL D . 15.66 -7.50 -26.14
O3 GOL D . 15.23 -8.72 -26.72
C1 GOL E . -3.35 17.36 -12.92
O1 GOL E . -3.28 16.78 -14.22
C2 GOL E . -4.76 17.30 -12.37
O2 GOL E . -5.57 18.27 -13.02
C3 GOL E . -4.82 17.50 -10.88
O3 GOL E . -4.35 16.34 -10.20
S SO4 F . -11.19 -5.41 -5.30
O1 SO4 F . -9.87 -4.94 -5.71
O2 SO4 F . -11.47 -6.73 -5.89
O3 SO4 F . -11.24 -5.50 -3.83
O4 SO4 F . -12.20 -4.46 -5.77
S SO4 G . -23.05 -4.65 -10.36
O1 SO4 G . -22.31 -3.58 -9.69
O2 SO4 G . -22.19 -5.31 -11.35
O3 SO4 G . -23.48 -5.65 -9.37
O4 SO4 G . -24.23 -4.08 -11.03
C1 GOL H . 7.83 12.18 38.74
O1 GOL H . 6.75 11.52 39.39
C2 GOL H . 8.14 13.50 39.40
O2 GOL H . 6.97 14.32 39.39
C3 GOL H . 9.27 14.22 38.70
O3 GOL H . 10.50 13.49 38.79
#